data_2BEF
#
_entry.id   2BEF
#
_cell.length_a   71.560
_cell.length_b   71.560
_cell.length_c   153.750
_cell.angle_alpha   90.00
_cell.angle_beta   90.00
_cell.angle_gamma   120.00
#
_symmetry.space_group_name_H-M   'P 31 2 1'
#
loop_
_entity.id
_entity.type
_entity.pdbx_description
1 polymer 'NUCLEOSIDE DIPHOSPHATE KINASE'
2 non-polymer 'MAGNESIUM ION'
3 non-polymer 'BERYLLIUM TRIFLUORIDE ION'
4 non-polymer "ADENOSINE-5'-DIPHOSPHATE"
5 water water
#
_entity_poly.entity_id   1
_entity_poly.type   'polypeptide(L)'
_entity_poly.pdbx_seq_one_letter_code
;MSTNKVNKERTFLAVKPDGVARGLVGEIIARYEKKGFVLVGLKQLVPTKDLAESHYAEHKERPFFGGLVSFITSGPVVAM
VFEGKGVVASARLMIGVTNPLASAPGSIRGDFGVDVGRNIIHGSDSVESANREIALWFKPEELLTEVKPNPNLYE
;
_entity_poly.pdbx_strand_id   A,B,C
#
loop_
_chem_comp.id
_chem_comp.type
_chem_comp.name
_chem_comp.formula
ADP non-polymer ADENOSINE-5'-DIPHOSPHATE 'C10 H15 N5 O10 P2'
BEF non-polymer 'BERYLLIUM TRIFLUORIDE ION' 'Be F3 -1'
MG non-polymer 'MAGNESIUM ION' 'Mg 2'
#
# COMPACT_ATOMS: atom_id res chain seq x y z
N VAL A 6 10.18 -19.42 16.04
CA VAL A 6 11.24 -18.65 16.75
C VAL A 6 11.51 -17.41 15.89
N ASN A 7 11.93 -16.32 16.55
CA ASN A 7 12.22 -15.06 15.88
C ASN A 7 13.56 -15.09 15.10
N LYS A 8 14.26 -16.22 15.11
CA LYS A 8 15.57 -16.34 14.45
C LYS A 8 15.54 -16.85 13.02
N GLU A 9 14.38 -16.77 12.39
CA GLU A 9 14.27 -17.23 11.02
C GLU A 9 14.88 -16.16 10.16
N ARG A 10 15.57 -16.56 9.10
CA ARG A 10 16.21 -15.61 8.22
C ARG A 10 15.84 -15.82 6.75
N THR A 11 15.99 -14.79 5.93
CA THR A 11 15.66 -14.89 4.51
C THR A 11 16.70 -14.11 3.78
N PHE A 12 16.84 -14.38 2.48
CA PHE A 12 17.82 -13.69 1.69
C PHE A 12 17.12 -12.89 0.64
N LEU A 13 17.34 -11.57 0.64
CA LEU A 13 16.75 -10.65 -0.33
C LEU A 13 17.88 -10.04 -1.14
N ALA A 14 17.66 -9.78 -2.42
CA ALA A 14 18.68 -9.12 -3.21
C ALA A 14 18.01 -8.07 -4.09
N VAL A 15 18.48 -6.83 -4.01
CA VAL A 15 17.93 -5.76 -4.85
C VAL A 15 18.71 -6.02 -6.14
N LYS A 16 18.02 -6.30 -7.24
CA LYS A 16 18.69 -6.63 -8.49
C LYS A 16 19.32 -5.42 -9.13
N PRO A 17 20.06 -5.62 -10.20
CA PRO A 17 20.70 -4.46 -10.83
C PRO A 17 19.78 -3.33 -11.27
N ASP A 18 18.55 -3.68 -11.66
CA ASP A 18 17.59 -2.64 -12.08
C ASP A 18 17.17 -1.76 -10.91
N GLY A 19 16.85 -2.35 -9.77
CA GLY A 19 16.47 -1.58 -8.61
C GLY A 19 17.62 -0.72 -8.09
N VAL A 20 18.85 -1.15 -8.29
CA VAL A 20 19.97 -0.38 -7.82
C VAL A 20 20.15 0.82 -8.72
N ALA A 21 20.00 0.66 -10.03
CA ALA A 21 20.18 1.79 -10.95
C ALA A 21 19.05 2.78 -10.90
N ARG A 22 17.89 2.30 -10.52
CA ARG A 22 16.73 3.17 -10.42
C ARG A 22 16.67 3.95 -9.08
N GLY A 23 17.62 3.68 -8.18
CA GLY A 23 17.68 4.35 -6.89
C GLY A 23 16.64 3.86 -5.91
N LEU A 24 16.48 2.55 -5.80
CA LEU A 24 15.44 1.98 -4.94
C LEU A 24 15.96 1.19 -3.78
N VAL A 25 17.27 1.21 -3.52
CA VAL A 25 17.84 0.43 -2.41
C VAL A 25 17.34 0.79 -1.01
N GLY A 26 17.38 2.07 -0.66
CA GLY A 26 16.91 2.45 0.67
C GLY A 26 15.41 2.32 0.84
N GLU A 27 14.66 2.55 -0.22
CA GLU A 27 13.23 2.42 -0.19
C GLU A 27 12.89 0.99 0.21
N ILE A 28 13.58 0.02 -0.40
CA ILE A 28 13.35 -1.40 -0.13
C ILE A 28 13.82 -1.78 1.28
N ILE A 29 14.99 -1.34 1.68
CA ILE A 29 15.48 -1.66 3.03
C ILE A 29 14.54 -1.13 4.14
N ALA A 30 14.00 0.07 3.95
CA ALA A 30 13.11 0.70 4.94
C ALA A 30 11.77 0.05 5.15
N ARG A 31 11.21 -0.58 4.12
CA ARG A 31 9.93 -1.26 4.23
C ARG A 31 10.06 -2.41 5.21
N TYR A 32 11.21 -3.05 5.22
CA TYR A 32 11.49 -4.17 6.13
C TYR A 32 11.91 -3.75 7.55
N GLU A 33 12.56 -2.60 7.66
CA GLU A 33 12.94 -2.07 8.97
C GLU A 33 11.66 -1.65 9.66
N LYS A 34 10.76 -1.02 8.92
CA LYS A 34 9.50 -0.55 9.47
C LYS A 34 8.59 -1.69 9.93
N LYS A 35 8.65 -2.82 9.23
CA LYS A 35 7.87 -4.03 9.48
C LYS A 35 8.36 -4.63 10.77
N GLY A 36 9.66 -4.52 11.02
CA GLY A 36 10.20 -5.04 12.26
C GLY A 36 11.31 -6.06 12.12
N PHE A 37 11.78 -6.29 10.90
CA PHE A 37 12.82 -7.26 10.67
C PHE A 37 14.18 -6.70 10.89
N VAL A 38 15.09 -7.49 11.43
CA VAL A 38 16.42 -7.00 11.71
C VAL A 38 17.38 -7.42 10.65
N LEU A 39 18.20 -6.48 10.23
CA LEU A 39 19.17 -6.66 9.18
C LEU A 39 20.38 -7.36 9.74
N VAL A 40 20.58 -8.62 9.38
CA VAL A 40 21.73 -9.35 9.90
C VAL A 40 22.91 -9.47 8.92
N GLY A 41 22.73 -8.97 7.70
CA GLY A 41 23.82 -9.00 6.72
C GLY A 41 23.59 -7.98 5.62
N LEU A 42 24.62 -7.30 5.18
CA LEU A 42 24.40 -6.34 4.12
C LEU A 42 25.63 -6.08 3.35
N LYS A 43 25.54 -6.06 2.04
CA LYS A 43 26.70 -5.73 1.21
C LYS A 43 26.29 -5.48 -0.21
N GLN A 44 27.17 -4.86 -0.98
CA GLN A 44 26.95 -4.61 -2.39
C GLN A 44 28.05 -5.32 -3.11
N LEU A 45 27.73 -5.97 -4.23
CA LEU A 45 28.71 -6.70 -5.02
C LEU A 45 28.23 -6.86 -6.45
N VAL A 46 29.15 -7.13 -7.37
CA VAL A 46 28.79 -7.37 -8.75
C VAL A 46 28.86 -8.91 -8.78
N PRO A 47 27.70 -9.60 -8.91
CA PRO A 47 27.67 -11.07 -8.95
C PRO A 47 28.50 -11.65 -10.08
N THR A 48 29.13 -12.75 -9.76
CA THR A 48 29.97 -13.49 -10.67
C THR A 48 29.00 -14.40 -11.50
N LYS A 49 29.36 -14.77 -12.74
CA LYS A 49 28.51 -15.65 -13.56
C LYS A 49 28.22 -17.00 -12.90
N ASP A 50 29.16 -17.52 -12.12
CA ASP A 50 28.95 -18.79 -11.41
C ASP A 50 27.96 -18.65 -10.26
N LEU A 51 27.94 -17.49 -9.61
CA LEU A 51 27.04 -17.23 -8.49
C LEU A 51 25.62 -17.10 -9.01
N ALA A 52 25.47 -16.35 -10.09
CA ALA A 52 24.17 -16.14 -10.68
C ALA A 52 23.52 -17.46 -11.12
N GLU A 53 24.33 -18.39 -11.64
CA GLU A 53 23.84 -19.68 -12.10
C GLU A 53 23.49 -20.65 -11.02
N SER A 54 24.20 -20.58 -9.90
CA SER A 54 23.92 -21.46 -8.77
C SER A 54 22.72 -20.88 -8.07
N HIS A 55 22.69 -19.56 -7.95
CA HIS A 55 21.58 -18.90 -7.29
C HIS A 55 20.30 -19.30 -7.99
N TYR A 56 20.34 -19.21 -9.32
CA TYR A 56 19.18 -19.55 -10.14
C TYR A 56 19.21 -20.94 -10.77
N ALA A 57 19.93 -21.89 -10.16
CA ALA A 57 20.07 -23.26 -10.70
C ALA A 57 18.76 -23.97 -11.02
N GLU A 58 17.69 -23.68 -10.29
CA GLU A 58 16.41 -24.31 -10.56
C GLU A 58 15.77 -23.94 -11.92
N HIS A 59 16.33 -22.95 -12.59
CA HIS A 59 15.76 -22.48 -13.84
C HIS A 59 16.77 -22.71 -14.93
N LYS A 60 17.79 -23.53 -14.69
CA LYS A 60 18.84 -23.74 -15.68
C LYS A 60 18.39 -24.29 -17.02
N GLU A 61 17.20 -24.86 -17.04
CA GLU A 61 16.67 -25.38 -18.29
C GLU A 61 15.59 -24.51 -18.93
N ARG A 62 15.20 -23.45 -18.25
CA ARG A 62 14.15 -22.58 -18.75
C ARG A 62 14.74 -21.64 -19.77
N PRO A 63 13.96 -21.25 -20.80
CA PRO A 63 14.41 -20.35 -21.88
C PRO A 63 14.95 -18.97 -21.51
N PHE A 64 14.48 -18.44 -20.40
CA PHE A 64 14.88 -17.13 -19.93
C PHE A 64 16.12 -17.12 -19.04
N PHE A 65 16.72 -18.29 -18.82
CA PHE A 65 17.92 -18.45 -17.96
C PHE A 65 19.15 -17.67 -18.46
N GLY A 66 19.50 -17.86 -19.72
CA GLY A 66 20.62 -17.14 -20.29
C GLY A 66 20.42 -15.66 -20.09
N GLY A 67 19.21 -15.17 -20.37
CA GLY A 67 18.90 -13.75 -20.21
C GLY A 67 18.91 -13.31 -18.75
N LEU A 68 18.42 -14.16 -17.85
CA LEU A 68 18.37 -13.86 -16.43
C LEU A 68 19.75 -13.71 -15.87
N VAL A 69 20.60 -14.68 -16.19
CA VAL A 69 21.98 -14.73 -15.74
C VAL A 69 22.83 -13.57 -16.32
N SER A 70 22.52 -13.10 -17.52
CA SER A 70 23.28 -11.99 -18.09
C SER A 70 22.97 -10.67 -17.39
N PHE A 71 21.72 -10.50 -16.97
CA PHE A 71 21.29 -9.29 -16.31
C PHE A 71 21.74 -9.21 -14.85
N ILE A 72 21.52 -10.26 -14.07
CA ILE A 72 21.91 -10.28 -12.67
C ILE A 72 23.39 -9.95 -12.48
N THR A 73 24.21 -10.21 -13.50
CA THR A 73 25.65 -9.94 -13.47
C THR A 73 26.08 -8.74 -14.31
N SER A 74 25.12 -7.96 -14.81
CA SER A 74 25.42 -6.79 -15.61
C SER A 74 25.76 -5.53 -14.76
N GLY A 75 25.54 -5.63 -13.44
CA GLY A 75 25.79 -4.52 -12.55
C GLY A 75 25.70 -4.89 -11.07
N PRO A 76 25.89 -3.91 -10.16
CA PRO A 76 25.84 -4.17 -8.72
C PRO A 76 24.46 -4.67 -8.27
N VAL A 77 24.48 -5.45 -7.19
CA VAL A 77 23.31 -6.03 -6.54
C VAL A 77 23.58 -5.75 -5.03
N VAL A 78 22.57 -5.45 -4.21
CA VAL A 78 22.85 -5.33 -2.79
C VAL A 78 22.11 -6.48 -2.17
N ALA A 79 22.88 -7.41 -1.68
CA ALA A 79 22.39 -8.60 -1.07
C ALA A 79 22.21 -8.34 0.40
N MET A 80 21.20 -8.95 1.00
CA MET A 80 20.93 -8.78 2.43
C MET A 80 20.17 -9.94 3.06
N VAL A 81 20.25 -10.10 4.38
CA VAL A 81 19.48 -11.13 5.07
C VAL A 81 18.83 -10.52 6.31
N PHE A 82 17.51 -10.66 6.41
CA PHE A 82 16.74 -10.11 7.52
C PHE A 82 16.35 -11.26 8.42
N GLU A 83 16.17 -10.99 9.71
CA GLU A 83 15.80 -12.00 10.62
C GLU A 83 14.54 -11.54 11.35
N GLY A 84 13.73 -12.51 11.73
CA GLY A 84 12.49 -12.24 12.41
C GLY A 84 11.51 -13.36 12.11
N LYS A 85 10.53 -13.52 12.98
CA LYS A 85 9.49 -14.50 12.84
C LYS A 85 8.78 -14.42 11.46
N GLY A 86 8.57 -15.56 10.84
CA GLY A 86 7.92 -15.59 9.55
C GLY A 86 8.54 -14.74 8.48
N VAL A 87 9.75 -14.24 8.70
CA VAL A 87 10.37 -13.38 7.71
C VAL A 87 10.35 -13.90 6.28
N VAL A 88 10.49 -15.20 6.09
CA VAL A 88 10.51 -15.74 4.72
C VAL A 88 9.20 -15.50 3.94
N ALA A 89 8.08 -15.95 4.48
CA ALA A 89 6.82 -15.74 3.79
C ALA A 89 6.35 -14.27 3.83
N SER A 90 6.75 -13.49 4.83
CA SER A 90 6.35 -12.07 4.92
C SER A 90 7.06 -11.23 3.85
N ALA A 91 8.36 -11.48 3.70
CA ALA A 91 9.19 -10.80 2.70
C ALA A 91 8.63 -11.08 1.29
N ARG A 92 8.04 -12.25 1.09
CA ARG A 92 7.46 -12.60 -0.22
C ARG A 92 6.19 -11.83 -0.49
N LEU A 93 5.38 -11.71 0.54
CA LEU A 93 4.14 -10.97 0.51
C LEU A 93 4.46 -9.52 0.21
N MET A 94 5.48 -8.97 0.87
CA MET A 94 5.85 -7.60 0.66
C MET A 94 6.46 -7.34 -0.72
N ILE A 95 7.05 -8.37 -1.33
CA ILE A 95 7.65 -8.29 -2.66
C ILE A 95 6.66 -8.30 -3.86
N GLY A 96 5.61 -9.12 -3.78
CA GLY A 96 4.65 -9.22 -4.86
C GLY A 96 4.69 -10.61 -5.45
N VAL A 97 4.35 -10.74 -6.71
CA VAL A 97 4.40 -12.06 -7.34
C VAL A 97 5.44 -11.89 -8.46
N THR A 98 5.73 -12.92 -9.23
CA THR A 98 6.77 -12.79 -10.25
C THR A 98 6.64 -11.64 -11.27
N ASN A 99 5.43 -11.47 -11.80
CA ASN A 99 5.11 -10.44 -12.77
C ASN A 99 4.72 -9.14 -12.02
N PRO A 100 5.49 -8.02 -12.17
CA PRO A 100 5.11 -6.81 -11.43
C PRO A 100 3.75 -6.23 -11.76
N LEU A 101 3.26 -6.45 -12.99
CA LEU A 101 1.96 -5.95 -13.40
C LEU A 101 0.83 -6.64 -12.66
N ALA A 102 1.06 -7.85 -12.19
CA ALA A 102 0.02 -8.56 -11.49
C ALA A 102 0.15 -8.44 -9.96
N SER A 103 1.11 -7.63 -9.47
CA SER A 103 1.38 -7.43 -8.05
C SER A 103 0.52 -6.32 -7.50
N ALA A 104 -0.07 -6.56 -6.34
CA ALA A 104 -0.98 -5.61 -5.75
C ALA A 104 -0.29 -4.36 -5.38
N PRO A 105 -0.96 -3.22 -5.52
CA PRO A 105 -0.27 -2.00 -5.13
C PRO A 105 0.02 -2.11 -3.62
N GLY A 106 1.21 -1.66 -3.20
CA GLY A 106 1.58 -1.75 -1.79
C GLY A 106 2.77 -2.68 -1.61
N SER A 107 2.99 -3.54 -2.59
CA SER A 107 4.08 -4.50 -2.59
C SER A 107 5.19 -3.85 -3.38
N ILE A 108 6.42 -4.30 -3.21
CA ILE A 108 7.52 -3.70 -3.92
C ILE A 108 7.39 -3.79 -5.45
N ARG A 109 7.14 -4.97 -5.98
CA ARG A 109 7.00 -5.09 -7.42
C ARG A 109 5.74 -4.39 -7.91
N GLY A 110 4.69 -4.41 -7.11
CA GLY A 110 3.46 -3.76 -7.51
C GLY A 110 3.63 -2.28 -7.71
N ASP A 111 4.36 -1.67 -6.79
CA ASP A 111 4.57 -0.25 -6.84
C ASP A 111 5.65 0.22 -7.78
N PHE A 112 6.60 -0.64 -8.12
CA PHE A 112 7.72 -0.17 -8.92
C PHE A 112 8.04 -0.89 -10.18
N GLY A 113 7.53 -2.10 -10.33
CA GLY A 113 7.89 -2.85 -11.52
C GLY A 113 6.86 -2.92 -12.61
N VAL A 114 7.34 -3.25 -13.80
CA VAL A 114 6.50 -3.32 -14.94
C VAL A 114 6.87 -4.50 -15.83
N ASP A 115 8.08 -5.04 -15.71
CA ASP A 115 8.48 -6.16 -16.55
C ASP A 115 8.92 -7.38 -15.75
N VAL A 116 8.59 -8.61 -16.17
CA VAL A 116 8.99 -9.79 -15.37
C VAL A 116 10.52 -9.86 -15.24
N GLY A 117 11.21 -9.46 -16.30
CA GLY A 117 12.66 -9.49 -16.33
C GLY A 117 13.35 -8.36 -15.57
N ARG A 118 12.61 -7.33 -15.23
CA ARG A 118 13.13 -6.20 -14.50
C ARG A 118 12.20 -6.04 -13.32
N ASN A 119 12.25 -7.02 -12.43
CA ASN A 119 11.36 -7.01 -11.31
C ASN A 119 11.90 -6.61 -9.96
N ILE A 120 12.94 -5.79 -9.97
CA ILE A 120 13.54 -5.15 -8.80
C ILE A 120 14.19 -5.89 -7.65
N ILE A 121 13.64 -7.01 -7.24
CA ILE A 121 14.18 -7.66 -6.04
C ILE A 121 13.96 -9.15 -6.08
N HIS A 122 14.84 -9.89 -5.42
CA HIS A 122 14.71 -11.32 -5.35
C HIS A 122 14.52 -11.56 -3.87
N GLY A 123 13.70 -12.52 -3.52
CA GLY A 123 13.46 -12.89 -2.14
C GLY A 123 13.32 -14.40 -2.09
N SER A 124 14.05 -15.08 -1.23
CA SER A 124 13.99 -16.53 -1.10
C SER A 124 12.54 -16.99 -1.00
N ASP A 125 12.22 -18.17 -1.58
CA ASP A 125 10.84 -18.67 -1.55
C ASP A 125 10.46 -19.64 -0.45
N SER A 126 11.43 -20.11 0.32
CA SER A 126 11.19 -21.06 1.43
C SER A 126 12.41 -21.04 2.37
N VAL A 127 12.25 -21.57 3.58
CA VAL A 127 13.37 -21.66 4.52
C VAL A 127 14.52 -22.50 3.95
N GLU A 128 14.20 -23.62 3.31
CA GLU A 128 15.24 -24.44 2.74
C GLU A 128 15.96 -23.64 1.66
N SER A 129 15.22 -22.82 0.94
CA SER A 129 15.84 -21.98 -0.08
C SER A 129 16.68 -20.85 0.53
N ALA A 130 16.20 -20.24 1.60
CA ALA A 130 16.93 -19.15 2.28
C ALA A 130 18.26 -19.62 2.82
N ASN A 131 18.24 -20.73 3.56
CA ASN A 131 19.45 -21.33 4.13
C ASN A 131 20.48 -21.68 3.11
N ARG A 132 20.06 -21.93 1.88
CA ARG A 132 20.96 -22.24 0.78
C ARG A 132 21.49 -20.96 0.09
N GLU A 133 20.62 -19.96 -0.08
CA GLU A 133 21.01 -18.73 -0.70
C GLU A 133 21.88 -17.92 0.22
N ILE A 134 21.62 -17.95 1.52
CA ILE A 134 22.45 -17.20 2.52
C ILE A 134 23.89 -17.72 2.54
N ALA A 135 24.03 -19.04 2.64
CA ALA A 135 25.32 -19.67 2.64
C ALA A 135 26.02 -19.47 1.29
N LEU A 136 25.23 -19.22 0.27
CA LEU A 136 25.76 -19.02 -1.06
C LEU A 136 26.37 -17.60 -1.27
N TRP A 137 25.67 -16.58 -0.78
CA TRP A 137 26.08 -15.19 -0.96
C TRP A 137 26.91 -14.58 0.15
N PHE A 138 26.80 -15.16 1.35
CA PHE A 138 27.49 -14.66 2.53
C PHE A 138 28.42 -15.64 3.26
N LYS A 139 29.66 -15.21 3.54
CA LYS A 139 30.64 -15.99 4.30
C LYS A 139 30.09 -15.90 5.72
N PRO A 140 30.32 -16.90 6.59
CA PRO A 140 29.81 -16.83 7.97
C PRO A 140 30.07 -15.56 8.82
N GLU A 141 31.22 -14.92 8.64
CA GLU A 141 31.59 -13.73 9.44
C GLU A 141 30.93 -12.41 9.05
N GLU A 142 30.11 -12.46 7.99
CA GLU A 142 29.42 -11.30 7.49
C GLU A 142 28.02 -11.20 8.06
N LEU A 143 27.65 -12.16 8.93
CA LEU A 143 26.32 -12.20 9.51
C LEU A 143 26.34 -11.94 10.99
N LEU A 144 25.45 -11.10 11.47
CA LEU A 144 25.40 -10.84 12.89
C LEU A 144 24.93 -12.12 13.55
N THR A 145 25.35 -12.34 14.77
CA THR A 145 24.98 -13.52 15.53
C THR A 145 23.95 -13.17 16.64
N GLU A 146 24.25 -12.12 17.39
CA GLU A 146 23.37 -11.62 18.44
C GLU A 146 22.53 -10.55 17.76
N VAL A 147 21.30 -10.91 17.40
CA VAL A 147 20.38 -9.98 16.74
C VAL A 147 19.53 -9.31 17.81
N LYS A 148 19.34 -8.00 17.64
CA LYS A 148 18.59 -7.16 18.59
C LYS A 148 17.40 -6.41 17.95
N PRO A 149 16.18 -6.97 18.08
CA PRO A 149 14.99 -6.32 17.51
C PRO A 149 14.29 -5.44 18.56
N ASN A 150 13.67 -4.35 18.12
CA ASN A 150 12.96 -3.45 19.04
C ASN A 150 12.18 -4.31 20.05
N PRO A 151 12.33 -4.03 21.33
CA PRO A 151 11.64 -4.78 22.40
C PRO A 151 10.11 -4.67 22.45
N ASN A 152 9.55 -4.00 21.46
CA ASN A 152 8.10 -3.87 21.38
C ASN A 152 7.53 -4.70 20.26
N LEU A 153 8.39 -5.43 19.55
CA LEU A 153 7.98 -6.25 18.41
C LEU A 153 7.42 -7.64 18.73
N TYR A 154 7.90 -8.22 19.82
CA TYR A 154 7.51 -9.56 20.25
C TYR A 154 6.97 -9.59 21.67
N GLU A 155 6.17 -10.62 21.95
CA GLU A 155 5.55 -10.87 23.25
C GLU A 155 6.54 -11.63 24.12
N VAL B 6 3.00 -4.88 -26.52
CA VAL B 6 4.30 -4.15 -26.55
C VAL B 6 4.25 -3.02 -25.51
N ASN B 7 5.40 -2.44 -25.22
CA ASN B 7 5.54 -1.37 -24.24
C ASN B 7 5.05 -0.01 -24.75
N LYS B 8 4.13 -0.02 -25.71
CA LYS B 8 3.60 1.22 -26.24
C LYS B 8 2.09 1.35 -26.10
N GLU B 9 1.56 0.62 -25.14
CA GLU B 9 0.15 0.65 -24.85
C GLU B 9 -0.06 1.91 -23.98
N ARG B 10 -1.20 2.59 -24.12
CA ARG B 10 -1.48 3.81 -23.38
C ARG B 10 -2.84 3.74 -22.75
N THR B 11 -3.09 4.59 -21.76
CA THR B 11 -4.38 4.63 -21.10
C THR B 11 -4.67 6.06 -20.73
N PHE B 12 -5.95 6.37 -20.55
CA PHE B 12 -6.34 7.72 -20.21
C PHE B 12 -6.70 7.81 -18.74
N LEU B 13 -6.07 8.75 -18.04
CA LEU B 13 -6.33 8.94 -16.64
C LEU B 13 -6.75 10.37 -16.45
N ALA B 14 -7.66 10.59 -15.51
CA ALA B 14 -8.11 11.94 -15.23
C ALA B 14 -8.29 12.12 -13.75
N VAL B 15 -7.61 13.11 -13.17
CA VAL B 15 -7.81 13.38 -11.77
C VAL B 15 -9.06 14.25 -11.83
N LYS B 16 -10.12 13.73 -11.24
CA LYS B 16 -11.41 14.36 -11.22
C LYS B 16 -11.42 15.63 -10.37
N PRO B 17 -12.49 16.41 -10.46
CA PRO B 17 -12.58 17.65 -9.68
C PRO B 17 -12.34 17.54 -8.19
N ASP B 18 -12.82 16.49 -7.58
CA ASP B 18 -12.62 16.32 -6.14
C ASP B 18 -11.15 16.05 -5.84
N GLY B 19 -10.45 15.42 -6.79
CA GLY B 19 -9.06 15.12 -6.63
C GLY B 19 -8.23 16.38 -6.75
N VAL B 20 -8.55 17.22 -7.72
CA VAL B 20 -7.82 18.48 -7.89
C VAL B 20 -8.02 19.36 -6.67
N ALA B 21 -9.26 19.51 -6.20
CA ALA B 21 -9.60 20.33 -5.03
C ALA B 21 -8.96 19.89 -3.72
N ARG B 22 -8.78 18.57 -3.55
CA ARG B 22 -8.17 18.02 -2.35
C ARG B 22 -6.64 17.99 -2.38
N GLY B 23 -6.04 18.45 -3.48
CA GLY B 23 -4.60 18.50 -3.57
C GLY B 23 -3.93 17.17 -3.79
N LEU B 24 -4.54 16.29 -4.58
CA LEU B 24 -3.97 14.98 -4.83
C LEU B 24 -3.32 14.75 -6.20
N VAL B 25 -3.27 15.75 -7.06
CA VAL B 25 -2.68 15.63 -8.40
C VAL B 25 -1.24 15.17 -8.43
N GLY B 26 -0.39 15.74 -7.60
CA GLY B 26 1.00 15.35 -7.62
C GLY B 26 1.19 13.97 -7.03
N GLU B 27 0.37 13.64 -6.04
CA GLU B 27 0.45 12.33 -5.40
C GLU B 27 0.04 11.24 -6.40
N ILE B 28 -0.97 11.49 -7.21
CA ILE B 28 -1.44 10.52 -8.21
C ILE B 28 -0.42 10.35 -9.38
N ILE B 29 0.12 11.45 -9.89
CA ILE B 29 1.09 11.39 -10.99
C ILE B 29 2.35 10.66 -10.58
N ALA B 30 2.78 10.86 -9.33
CA ALA B 30 3.98 10.24 -8.78
C ALA B 30 3.87 8.71 -8.59
N ARG B 31 2.69 8.18 -8.43
CA ARG B 31 2.54 6.74 -8.26
C ARG B 31 2.82 6.01 -9.59
N TYR B 32 2.41 6.62 -10.69
CA TYR B 32 2.56 6.10 -12.03
C TYR B 32 3.98 6.27 -12.56
N GLU B 33 4.66 7.34 -12.19
CA GLU B 33 6.05 7.53 -12.59
C GLU B 33 6.99 6.59 -11.84
N LYS B 34 6.65 6.26 -10.60
CA LYS B 34 7.46 5.35 -9.78
C LYS B 34 7.32 3.93 -10.29
N LYS B 35 6.14 3.61 -10.80
CA LYS B 35 5.81 2.30 -11.36
C LYS B 35 6.59 2.09 -12.64
N GLY B 36 6.86 3.17 -13.38
CA GLY B 36 7.63 3.11 -14.61
C GLY B 36 6.95 3.63 -15.87
N PHE B 37 5.67 3.95 -15.79
CA PHE B 37 4.97 4.46 -16.93
C PHE B 37 5.43 5.86 -17.28
N VAL B 38 5.42 6.16 -18.56
CA VAL B 38 5.83 7.46 -19.05
C VAL B 38 4.66 8.36 -19.40
N LEU B 39 4.76 9.61 -18.99
CA LEU B 39 3.72 10.58 -19.24
C LEU B 39 3.84 11.04 -20.68
N VAL B 40 2.80 10.80 -21.47
CA VAL B 40 2.85 11.24 -22.85
C VAL B 40 1.87 12.38 -23.16
N GLY B 41 1.02 12.72 -22.19
CA GLY B 41 0.06 13.79 -22.39
C GLY B 41 -0.39 14.26 -21.03
N LEU B 42 -0.50 15.57 -20.84
CA LEU B 42 -0.89 16.16 -19.59
C LEU B 42 -1.46 17.55 -19.78
N LYS B 43 -2.60 17.81 -19.16
CA LYS B 43 -3.20 19.14 -19.21
C LYS B 43 -4.33 19.31 -18.20
N GLN B 44 -4.60 20.56 -17.82
CA GLN B 44 -5.71 20.84 -16.90
C GLN B 44 -6.71 21.63 -17.73
N LEU B 45 -7.99 21.34 -17.56
CA LEU B 45 -9.03 22.03 -18.30
C LEU B 45 -10.28 21.84 -17.50
N VAL B 46 -11.34 22.59 -17.81
CA VAL B 46 -12.61 22.38 -17.12
C VAL B 46 -13.45 21.70 -18.18
N PRO B 47 -13.90 20.47 -17.93
CA PRO B 47 -14.70 19.77 -18.94
C PRO B 47 -15.93 20.54 -19.34
N THR B 48 -16.27 20.42 -20.62
CA THR B 48 -17.46 21.05 -21.13
C THR B 48 -18.53 19.93 -21.10
N LYS B 49 -19.82 20.27 -21.02
CA LYS B 49 -20.92 19.28 -20.99
C LYS B 49 -20.92 18.25 -22.15
N ASP B 50 -20.52 18.65 -23.35
CA ASP B 50 -20.50 17.67 -24.44
C ASP B 50 -19.42 16.63 -24.18
N LEU B 51 -18.22 17.09 -23.80
CA LEU B 51 -17.10 16.20 -23.48
C LEU B 51 -17.51 15.20 -22.40
N ALA B 52 -18.08 15.68 -21.29
CA ALA B 52 -18.49 14.79 -20.19
C ALA B 52 -19.46 13.70 -20.57
N GLU B 53 -20.44 14.03 -21.42
CA GLU B 53 -21.47 13.09 -21.89
C GLU B 53 -20.88 12.17 -22.95
N SER B 54 -19.95 12.67 -23.72
CA SER B 54 -19.33 11.83 -24.71
C SER B 54 -18.40 10.85 -23.93
N HIS B 55 -17.62 11.37 -22.96
CA HIS B 55 -16.67 10.55 -22.16
C HIS B 55 -17.37 9.42 -21.46
N TYR B 56 -18.48 9.77 -20.80
CA TYR B 56 -19.28 8.85 -20.03
C TYR B 56 -20.53 8.35 -20.72
N ALA B 57 -20.53 8.35 -22.05
CA ALA B 57 -21.68 7.89 -22.86
C ALA B 57 -22.23 6.49 -22.55
N GLU B 58 -21.37 5.53 -22.24
CA GLU B 58 -21.89 4.21 -21.95
C GLU B 58 -22.87 4.19 -20.78
N HIS B 59 -22.85 5.23 -19.94
CA HIS B 59 -23.77 5.27 -18.78
C HIS B 59 -24.98 6.20 -18.96
N LYS B 60 -25.21 6.68 -20.18
CA LYS B 60 -26.29 7.65 -20.44
C LYS B 60 -27.71 7.33 -20.05
N GLU B 61 -27.97 6.06 -19.81
CA GLU B 61 -29.30 5.59 -19.42
C GLU B 61 -29.34 5.05 -17.98
N ARG B 62 -28.31 5.37 -17.20
CA ARG B 62 -28.22 4.91 -15.83
C ARG B 62 -28.74 6.00 -14.90
N PRO B 63 -29.25 5.61 -13.73
CA PRO B 63 -29.77 6.61 -12.78
C PRO B 63 -28.82 7.78 -12.36
N PHE B 64 -27.55 7.46 -12.09
CA PHE B 64 -26.48 8.39 -11.64
C PHE B 64 -25.86 9.31 -12.68
N PHE B 65 -26.20 9.11 -13.94
CA PHE B 65 -25.66 9.86 -15.05
C PHE B 65 -25.76 11.38 -14.91
N GLY B 66 -26.95 11.89 -14.65
CA GLY B 66 -27.14 13.33 -14.51
C GLY B 66 -26.20 13.92 -13.51
N GLY B 67 -26.01 13.21 -12.38
CA GLY B 67 -25.11 13.67 -11.31
C GLY B 67 -23.62 13.61 -11.62
N LEU B 68 -23.22 12.63 -12.40
CA LEU B 68 -21.83 12.42 -12.81
C LEU B 68 -21.33 13.50 -13.74
N VAL B 69 -22.17 13.84 -14.72
CA VAL B 69 -21.83 14.86 -15.71
C VAL B 69 -21.86 16.21 -15.07
N SER B 70 -22.74 16.35 -14.11
CA SER B 70 -22.87 17.59 -13.39
C SER B 70 -21.59 17.79 -12.60
N PHE B 71 -21.16 16.72 -11.95
CA PHE B 71 -19.95 16.74 -11.16
C PHE B 71 -18.69 16.94 -11.99
N ILE B 72 -18.46 16.07 -12.96
CA ILE B 72 -17.26 16.16 -13.76
C ILE B 72 -17.10 17.52 -14.43
N THR B 73 -18.19 18.26 -14.56
CA THR B 73 -18.09 19.55 -15.21
C THR B 73 -18.07 20.72 -14.26
N SER B 74 -18.05 20.47 -12.95
CA SER B 74 -18.08 21.55 -11.97
C SER B 74 -16.76 22.13 -11.54
N GLY B 75 -15.66 21.58 -12.05
CA GLY B 75 -14.38 22.10 -11.64
C GLY B 75 -13.32 21.57 -12.53
N PRO B 76 -12.03 21.95 -12.36
CA PRO B 76 -10.92 21.47 -13.19
C PRO B 76 -10.60 20.00 -12.99
N VAL B 77 -10.21 19.36 -14.08
CA VAL B 77 -9.84 17.96 -14.14
C VAL B 77 -8.42 18.00 -14.69
N VAL B 78 -7.54 17.10 -14.26
CA VAL B 78 -6.23 17.09 -14.88
C VAL B 78 -6.26 15.76 -15.63
N ALA B 79 -6.14 15.87 -16.96
CA ALA B 79 -6.20 14.74 -17.85
C ALA B 79 -4.81 14.38 -18.21
N MET B 80 -4.51 13.09 -18.24
CA MET B 80 -3.18 12.67 -18.61
C MET B 80 -3.19 11.32 -19.30
N VAL B 81 -2.20 11.07 -20.14
CA VAL B 81 -2.14 9.74 -20.71
C VAL B 81 -0.76 9.16 -20.44
N PHE B 82 -0.76 7.94 -19.93
CA PHE B 82 0.43 7.22 -19.58
C PHE B 82 0.66 6.10 -20.57
N GLU B 83 1.92 5.83 -20.88
CA GLU B 83 2.31 4.77 -21.80
C GLU B 83 3.19 3.69 -21.14
N GLY B 84 2.85 2.42 -21.34
CA GLY B 84 3.70 1.44 -20.76
C GLY B 84 3.18 0.07 -21.05
N LYS B 85 4.00 -0.92 -20.75
CA LYS B 85 3.61 -2.26 -20.98
C LYS B 85 2.50 -2.57 -20.01
N GLY B 86 1.33 -2.91 -20.54
CA GLY B 86 0.17 -3.27 -19.73
C GLY B 86 -0.40 -2.19 -18.84
N VAL B 87 -0.22 -0.93 -19.22
CA VAL B 87 -0.67 0.20 -18.42
C VAL B 87 -2.17 0.32 -18.15
N VAL B 88 -3.00 -0.01 -19.13
CA VAL B 88 -4.44 0.06 -18.93
C VAL B 88 -4.89 -0.81 -17.79
N ALA B 89 -4.55 -2.08 -17.81
CA ALA B 89 -4.94 -2.95 -16.70
C ALA B 89 -4.21 -2.63 -15.42
N SER B 90 -2.94 -2.20 -15.52
CA SER B 90 -2.15 -1.88 -14.32
C SER B 90 -2.66 -0.60 -13.61
N ALA B 91 -2.89 0.45 -14.39
CA ALA B 91 -3.39 1.72 -13.88
C ALA B 91 -4.67 1.47 -13.11
N ARG B 92 -5.53 0.59 -13.63
CA ARG B 92 -6.81 0.26 -13.04
C ARG B 92 -6.67 -0.42 -11.70
N LEU B 93 -5.74 -1.38 -11.62
CA LEU B 93 -5.45 -2.09 -10.36
C LEU B 93 -4.91 -1.09 -9.34
N MET B 94 -4.10 -0.15 -9.82
CA MET B 94 -3.54 0.88 -8.96
C MET B 94 -4.65 1.81 -8.50
N ILE B 95 -5.71 1.94 -9.28
CA ILE B 95 -6.82 2.80 -8.89
C ILE B 95 -7.76 2.18 -7.87
N GLY B 96 -8.06 0.90 -7.99
CA GLY B 96 -9.00 0.30 -7.06
C GLY B 96 -10.31 -0.03 -7.78
N VAL B 97 -11.44 -0.14 -7.05
CA VAL B 97 -12.73 -0.47 -7.67
C VAL B 97 -13.64 0.75 -7.67
N THR B 98 -14.85 0.65 -8.23
CA THR B 98 -15.74 1.81 -8.28
C THR B 98 -16.00 2.46 -6.92
N ASN B 99 -16.26 1.65 -5.90
CA ASN B 99 -16.51 2.16 -4.55
C ASN B 99 -15.21 2.29 -3.77
N PRO B 100 -14.80 3.51 -3.36
CA PRO B 100 -13.55 3.66 -2.61
C PRO B 100 -13.50 2.91 -1.28
N LEU B 101 -14.63 2.65 -0.65
CA LEU B 101 -14.58 1.90 0.61
C LEU B 101 -14.25 0.41 0.44
N ALA B 102 -14.47 -0.10 -0.76
CA ALA B 102 -14.20 -1.49 -1.07
C ALA B 102 -12.79 -1.61 -1.64
N SER B 103 -12.12 -0.48 -1.87
CA SER B 103 -10.78 -0.45 -2.41
C SER B 103 -9.75 -0.77 -1.35
N ALA B 104 -8.75 -1.56 -1.73
CA ALA B 104 -7.70 -1.97 -0.83
C ALA B 104 -6.70 -0.89 -0.53
N PRO B 105 -6.25 -0.81 0.71
CA PRO B 105 -5.26 0.19 1.07
C PRO B 105 -4.07 -0.09 0.18
N GLY B 106 -3.46 0.96 -0.35
CA GLY B 106 -2.36 0.76 -1.26
C GLY B 106 -2.79 1.30 -2.59
N SER B 107 -4.10 1.24 -2.89
CA SER B 107 -4.68 1.76 -4.16
C SER B 107 -5.11 3.23 -3.99
N ILE B 108 -5.22 3.99 -5.08
CA ILE B 108 -5.59 5.40 -4.98
C ILE B 108 -6.97 5.61 -4.33
N ARG B 109 -7.99 4.91 -4.80
CA ARG B 109 -9.30 5.08 -4.25
C ARG B 109 -9.34 4.59 -2.81
N GLY B 110 -8.57 3.56 -2.54
CA GLY B 110 -8.57 3.02 -1.21
C GLY B 110 -7.90 3.85 -0.14
N ASP B 111 -6.89 4.56 -0.55
CA ASP B 111 -6.13 5.40 0.34
C ASP B 111 -6.79 6.72 0.62
N PHE B 112 -7.52 7.25 -0.37
CA PHE B 112 -8.13 8.57 -0.26
C PHE B 112 -9.62 8.78 -0.41
N GLY B 113 -10.36 7.78 -0.87
CA GLY B 113 -11.77 8.00 -1.07
C GLY B 113 -12.71 7.36 -0.09
N VAL B 114 -13.90 7.93 -0.07
CA VAL B 114 -14.92 7.51 0.82
C VAL B 114 -16.32 7.40 0.16
N ASP B 115 -16.57 8.11 -0.93
CA ASP B 115 -17.90 8.07 -1.55
C ASP B 115 -17.77 7.64 -2.99
N VAL B 116 -18.72 6.88 -3.50
CA VAL B 116 -18.72 6.40 -4.90
C VAL B 116 -18.77 7.55 -5.92
N GLY B 117 -19.45 8.64 -5.58
CA GLY B 117 -19.57 9.77 -6.49
C GLY B 117 -18.44 10.78 -6.47
N ARG B 118 -17.58 10.63 -5.48
CA ARG B 118 -16.39 11.45 -5.28
C ARG B 118 -15.23 10.44 -5.17
N ASN B 119 -14.92 9.81 -6.29
CA ASN B 119 -13.89 8.83 -6.23
C ASN B 119 -12.57 9.20 -6.89
N ILE B 120 -12.22 10.46 -6.74
CA ILE B 120 -10.90 10.98 -7.16
C ILE B 120 -10.34 10.86 -8.56
N ILE B 121 -10.37 9.67 -9.14
CA ILE B 121 -9.76 9.52 -10.46
C ILE B 121 -10.55 8.60 -11.35
N HIS B 122 -10.49 8.85 -12.66
CA HIS B 122 -11.13 7.99 -13.66
C HIS B 122 -10.01 7.27 -14.39
N GLY B 123 -10.22 6.02 -14.79
CA GLY B 123 -9.18 5.34 -15.56
C GLY B 123 -9.81 4.50 -16.65
N SER B 124 -9.27 4.51 -17.87
CA SER B 124 -9.82 3.70 -18.99
C SER B 124 -9.92 2.26 -18.58
N ASP B 125 -11.05 1.61 -18.83
CA ASP B 125 -11.19 0.21 -18.43
C ASP B 125 -10.72 -0.84 -19.43
N SER B 126 -10.42 -0.47 -20.66
CA SER B 126 -9.93 -1.45 -21.63
C SER B 126 -9.15 -0.71 -22.68
N VAL B 127 -8.42 -1.42 -23.54
CA VAL B 127 -7.64 -0.75 -24.58
C VAL B 127 -8.54 -0.06 -25.61
N GLU B 128 -9.76 -0.56 -25.79
CA GLU B 128 -10.74 0.01 -26.72
C GLU B 128 -11.18 1.35 -26.14
N SER B 129 -11.56 1.34 -24.87
CA SER B 129 -11.98 2.57 -24.18
C SER B 129 -10.86 3.62 -24.07
N ALA B 130 -9.63 3.19 -23.78
CA ALA B 130 -8.50 4.08 -23.70
C ALA B 130 -8.28 4.79 -25.02
N ASN B 131 -8.20 4.06 -26.13
CA ASN B 131 -7.96 4.72 -27.42
C ASN B 131 -9.05 5.71 -27.85
N ARG B 132 -10.25 5.45 -27.37
CA ARG B 132 -11.41 6.29 -27.65
C ARG B 132 -11.35 7.52 -26.74
N GLU B 133 -11.09 7.30 -25.45
CA GLU B 133 -11.01 8.40 -24.49
C GLU B 133 -9.81 9.30 -24.78
N ILE B 134 -8.66 8.74 -25.10
CA ILE B 134 -7.46 9.53 -25.42
C ILE B 134 -7.74 10.45 -26.63
N ALA B 135 -8.39 9.90 -27.65
CA ALA B 135 -8.74 10.64 -28.88
C ALA B 135 -9.77 11.76 -28.60
N LEU B 136 -10.55 11.58 -27.54
CA LEU B 136 -11.60 12.52 -27.10
C LEU B 136 -11.10 13.73 -26.30
N TRP B 137 -10.09 13.53 -25.45
CA TRP B 137 -9.58 14.62 -24.62
C TRP B 137 -8.32 15.26 -25.14
N PHE B 138 -7.57 14.57 -25.99
CA PHE B 138 -6.31 15.12 -26.52
C PHE B 138 -6.22 15.19 -28.05
N LYS B 139 -5.46 16.17 -28.54
CA LYS B 139 -5.26 16.35 -29.99
C LYS B 139 -3.95 15.61 -30.25
N PRO B 140 -3.76 15.00 -31.44
CA PRO B 140 -2.52 14.27 -31.76
C PRO B 140 -1.19 14.94 -31.43
N GLU B 141 -1.17 16.28 -31.47
CA GLU B 141 0.05 17.09 -31.22
C GLU B 141 0.33 17.46 -29.77
N GLU B 142 -0.61 17.11 -28.88
CA GLU B 142 -0.49 17.34 -27.45
C GLU B 142 0.02 16.05 -26.80
N LEU B 143 0.29 15.01 -27.60
CA LEU B 143 0.78 13.73 -27.12
C LEU B 143 2.17 13.52 -27.63
N LEU B 144 3.08 13.03 -26.78
CA LEU B 144 4.45 12.79 -27.22
C LEU B 144 4.35 11.74 -28.30
N THR B 145 5.05 11.95 -29.40
CA THR B 145 4.99 11.00 -30.48
C THR B 145 5.60 9.64 -30.11
N GLU B 146 6.89 9.64 -29.79
CA GLU B 146 7.58 8.41 -29.38
C GLU B 146 8.22 8.67 -27.98
N VAL B 147 8.22 7.66 -27.11
CA VAL B 147 8.70 7.77 -25.73
C VAL B 147 10.17 7.52 -25.33
N LYS B 148 10.64 8.33 -24.37
CA LYS B 148 12.00 8.28 -23.79
C LYS B 148 11.82 7.80 -22.31
N PRO B 149 11.77 6.46 -22.07
CA PRO B 149 11.60 5.91 -20.69
C PRO B 149 12.85 5.72 -19.81
N ASN B 150 13.00 4.51 -19.25
CA ASN B 150 14.13 4.13 -18.41
C ASN B 150 14.50 2.73 -18.92
N PRO B 151 15.74 2.53 -19.37
CA PRO B 151 16.28 1.27 -19.91
C PRO B 151 16.36 0.07 -18.92
N ASN B 152 16.24 0.40 -17.64
CA ASN B 152 16.25 -0.54 -16.54
C ASN B 152 14.82 -1.04 -16.29
N LEU B 153 13.85 -0.53 -17.04
CA LEU B 153 12.45 -0.91 -16.86
C LEU B 153 12.04 -2.13 -17.69
N TYR B 154 12.60 -2.20 -18.89
CA TYR B 154 12.27 -3.26 -19.83
C TYR B 154 13.42 -4.06 -20.29
N GLU B 155 13.15 -5.35 -20.40
CA GLU B 155 14.08 -6.34 -20.86
C GLU B 155 14.23 -6.10 -22.37
N VAL C 6 -27.62 8.04 8.22
CA VAL C 6 -26.72 8.96 7.47
C VAL C 6 -25.27 8.57 7.82
N ASN C 7 -24.32 8.93 6.92
CA ASN C 7 -22.89 8.65 7.09
C ASN C 7 -22.19 9.50 8.16
N LYS C 8 -22.67 9.29 9.39
CA LYS C 8 -22.15 9.97 10.56
C LYS C 8 -21.72 8.77 11.42
N GLU C 9 -21.44 7.67 10.75
CA GLU C 9 -21.02 6.44 11.43
C GLU C 9 -19.71 6.77 12.16
N ARG C 10 -19.49 6.13 13.31
CA ARG C 10 -18.26 6.34 14.10
C ARG C 10 -17.62 5.02 14.52
N THR C 11 -16.30 5.00 14.58
CA THR C 11 -15.61 3.82 15.00
C THR C 11 -14.59 4.26 16.04
N PHE C 12 -14.21 3.35 16.94
CA PHE C 12 -13.25 3.61 17.98
C PHE C 12 -11.97 2.89 17.63
N LEU C 13 -10.85 3.60 17.64
CA LEU C 13 -9.56 3.01 17.36
C LEU C 13 -8.66 3.36 18.53
N ALA C 14 -7.65 2.55 18.76
CA ALA C 14 -6.76 2.84 19.83
C ALA C 14 -5.37 2.40 19.44
N VAL C 15 -4.39 3.29 19.49
CA VAL C 15 -3.01 2.89 19.21
C VAL C 15 -2.56 2.24 20.52
N LYS C 16 -2.15 0.98 20.44
CA LYS C 16 -1.74 0.18 21.57
C LYS C 16 -0.32 0.58 22.05
N PRO C 17 0.06 0.23 23.30
CA PRO C 17 1.38 0.58 23.85
C PRO C 17 2.59 0.36 22.95
N ASP C 18 2.61 -0.73 22.20
CA ASP C 18 3.72 -1.01 21.30
C ASP C 18 3.73 0.00 20.17
N GLY C 19 2.58 0.48 19.77
CA GLY C 19 2.51 1.45 18.67
C GLY C 19 2.92 2.85 19.07
N VAL C 20 2.59 3.23 20.31
CA VAL C 20 2.92 4.53 20.89
C VAL C 20 4.43 4.56 21.16
N ALA C 21 4.98 3.45 21.62
CA ALA C 21 6.41 3.38 21.91
C ALA C 21 7.30 3.29 20.68
N ARG C 22 6.79 2.77 19.57
CA ARG C 22 7.63 2.68 18.38
C ARG C 22 7.55 3.96 17.55
N GLY C 23 6.70 4.88 17.97
CA GLY C 23 6.57 6.15 17.27
C GLY C 23 5.73 6.11 16.03
N LEU C 24 4.54 5.53 16.18
CA LEU C 24 3.61 5.36 15.05
C LEU C 24 2.24 6.03 15.20
N VAL C 25 2.08 6.87 16.20
CA VAL C 25 0.81 7.56 16.41
C VAL C 25 0.46 8.48 15.23
N GLY C 26 1.41 9.31 14.81
CA GLY C 26 1.18 10.22 13.70
C GLY C 26 0.94 9.50 12.38
N GLU C 27 1.80 8.57 12.02
CA GLU C 27 1.62 7.83 10.79
C GLU C 27 0.22 7.23 10.67
N ILE C 28 -0.30 6.67 11.77
CA ILE C 28 -1.63 6.05 11.81
C ILE C 28 -2.76 7.05 11.72
N ILE C 29 -2.67 8.19 12.42
CA ILE C 29 -3.75 9.21 12.34
C ILE C 29 -3.80 9.77 10.89
N ALA C 30 -2.64 9.94 10.30
CA ALA C 30 -2.53 10.50 8.96
C ALA C 30 -3.19 9.69 7.86
N ARG C 31 -3.20 8.36 8.00
CA ARG C 31 -3.81 7.47 7.02
C ARG C 31 -5.33 7.60 7.05
N TYR C 32 -5.92 7.82 8.22
CA TYR C 32 -7.39 7.99 8.33
C TYR C 32 -7.75 9.41 7.90
N GLU C 33 -6.94 10.40 8.24
CA GLU C 33 -7.16 11.78 7.77
C GLU C 33 -7.14 11.89 6.22
N LYS C 34 -6.19 11.21 5.58
CA LYS C 34 -6.05 11.21 4.10
C LYS C 34 -7.23 10.51 3.44
N LYS C 35 -7.77 9.51 4.13
CA LYS C 35 -8.93 8.76 3.67
C LYS C 35 -10.13 9.66 3.70
N GLY C 36 -10.11 10.67 4.57
CA GLY C 36 -11.21 11.61 4.65
C GLY C 36 -12.06 11.57 5.91
N PHE C 37 -11.79 10.60 6.78
CA PHE C 37 -12.55 10.47 8.00
C PHE C 37 -12.21 11.61 8.94
N VAL C 38 -13.18 12.02 9.75
CA VAL C 38 -12.95 13.14 10.66
C VAL C 38 -12.74 12.75 12.10
N LEU C 39 -11.70 13.27 12.70
CA LEU C 39 -11.40 12.97 14.07
C LEU C 39 -12.35 13.72 14.99
N VAL C 40 -13.16 12.98 15.73
CA VAL C 40 -14.10 13.58 16.64
C VAL C 40 -13.73 13.34 18.13
N GLY C 41 -12.71 12.55 18.40
CA GLY C 41 -12.34 12.35 19.77
C GLY C 41 -10.90 11.91 19.74
N LEU C 42 -10.08 12.38 20.69
CA LEU C 42 -8.68 11.99 20.73
C LEU C 42 -8.05 12.29 22.09
N LYS C 43 -7.31 11.33 22.64
CA LYS C 43 -6.65 11.52 23.91
C LYS C 43 -5.69 10.39 24.21
N GLN C 44 -4.67 10.68 25.02
CA GLN C 44 -3.72 9.69 25.40
C GLN C 44 -3.91 9.42 26.89
N LEU C 45 -3.87 8.16 27.28
CA LEU C 45 -4.07 7.78 28.67
C LEU C 45 -3.39 6.45 28.93
N VAL C 46 -3.35 6.04 30.19
CA VAL C 46 -2.79 4.75 30.57
C VAL C 46 -4.05 3.94 30.94
N PRO C 47 -4.50 3.01 30.05
CA PRO C 47 -5.71 2.26 30.41
C PRO C 47 -5.62 1.64 31.77
N THR C 48 -6.75 1.65 32.45
CA THR C 48 -6.88 1.12 33.77
C THR C 48 -7.34 -0.33 33.61
N LYS C 49 -6.91 -1.21 34.52
CA LYS C 49 -7.28 -2.64 34.42
C LYS C 49 -8.79 -2.88 34.24
N ASP C 50 -9.60 -2.10 34.93
CA ASP C 50 -11.06 -2.20 34.82
C ASP C 50 -11.49 -2.01 33.37
N LEU C 51 -10.88 -1.02 32.70
CA LEU C 51 -11.19 -0.65 31.31
C LEU C 51 -10.70 -1.63 30.26
N ALA C 52 -9.48 -2.11 30.41
CA ALA C 52 -8.95 -3.03 29.42
C ALA C 52 -9.77 -4.30 29.43
N GLU C 53 -10.23 -4.68 30.61
CA GLU C 53 -11.00 -5.89 30.75
C GLU C 53 -12.40 -5.77 30.18
N SER C 54 -13.04 -4.60 30.25
CA SER C 54 -14.38 -4.49 29.65
C SER C 54 -14.18 -4.28 28.19
N HIS C 55 -13.11 -3.60 27.83
CA HIS C 55 -12.80 -3.36 26.44
C HIS C 55 -12.76 -4.70 25.74
N TYR C 56 -11.91 -5.56 26.25
CA TYR C 56 -11.73 -6.89 25.70
C TYR C 56 -12.61 -7.91 26.43
N ALA C 57 -13.82 -7.51 26.79
CA ALA C 57 -14.75 -8.39 27.52
C ALA C 57 -15.04 -9.70 26.82
N GLU C 58 -15.23 -9.66 25.51
CA GLU C 58 -15.56 -10.85 24.74
C GLU C 58 -14.47 -11.88 24.75
N HIS C 59 -13.29 -11.52 25.23
CA HIS C 59 -12.20 -12.48 25.23
C HIS C 59 -11.80 -13.07 26.59
N LYS C 60 -12.57 -12.84 27.66
CA LYS C 60 -12.15 -13.37 28.97
C LYS C 60 -11.85 -14.87 29.18
N GLU C 61 -12.47 -15.74 28.40
CA GLU C 61 -12.27 -17.18 28.55
C GLU C 61 -11.09 -17.73 27.74
N ARG C 62 -10.42 -16.88 26.99
CA ARG C 62 -9.30 -17.33 26.15
C ARG C 62 -7.97 -17.33 26.93
N PRO C 63 -6.98 -18.16 26.53
CA PRO C 63 -5.70 -18.19 27.25
C PRO C 63 -4.90 -16.88 27.28
N PHE C 64 -4.98 -16.08 26.20
CA PHE C 64 -4.27 -14.80 26.08
C PHE C 64 -4.90 -13.58 26.81
N PHE C 65 -6.10 -13.71 27.37
CA PHE C 65 -6.75 -12.61 28.08
C PHE C 65 -5.83 -12.10 29.16
N GLY C 66 -5.15 -13.02 29.81
CA GLY C 66 -4.23 -12.65 30.86
C GLY C 66 -3.25 -11.64 30.36
N GLY C 67 -2.44 -12.03 29.37
CA GLY C 67 -1.45 -11.13 28.83
C GLY C 67 -1.93 -9.99 27.95
N LEU C 68 -3.13 -10.06 27.42
CA LEU C 68 -3.62 -9.01 26.55
C LEU C 68 -3.93 -7.83 27.45
N VAL C 69 -4.63 -8.11 28.54
CA VAL C 69 -5.03 -7.09 29.52
C VAL C 69 -3.82 -6.44 30.25
N SER C 70 -2.75 -7.20 30.46
CA SER C 70 -1.55 -6.67 31.10
C SER C 70 -0.73 -5.79 30.20
N PHE C 71 -0.80 -6.07 28.90
CA PHE C 71 -0.09 -5.30 27.89
C PHE C 71 -0.80 -3.96 27.67
N ILE C 72 -2.12 -3.98 27.52
CA ILE C 72 -2.91 -2.76 27.31
C ILE C 72 -2.76 -1.74 28.47
N THR C 73 -2.35 -2.22 29.65
CA THR C 73 -2.19 -1.40 30.85
C THR C 73 -0.72 -1.09 31.19
N SER C 74 0.20 -1.53 30.34
CA SER C 74 1.63 -1.34 30.54
C SER C 74 2.17 -0.01 30.04
N GLY C 75 1.33 0.79 29.41
CA GLY C 75 1.82 2.06 28.94
C GLY C 75 0.72 2.81 28.27
N PRO C 76 1.04 4.01 27.77
CA PRO C 76 0.13 4.92 27.06
C PRO C 76 -0.54 4.26 25.87
N VAL C 77 -1.68 4.81 25.52
CA VAL C 77 -2.51 4.34 24.46
C VAL C 77 -3.14 5.63 23.98
N VAL C 78 -3.19 5.89 22.68
CA VAL C 78 -3.91 7.08 22.31
C VAL C 78 -5.21 6.57 21.69
N ALA C 79 -6.29 6.97 22.31
CA ALA C 79 -7.63 6.58 21.94
C ALA C 79 -8.20 7.64 21.06
N MET C 80 -9.03 7.24 20.12
CA MET C 80 -9.62 8.17 19.19
C MET C 80 -10.84 7.63 18.51
N VAL C 81 -11.68 8.54 18.06
CA VAL C 81 -12.83 8.15 17.28
C VAL C 81 -12.93 9.00 16.02
N PHE C 82 -13.05 8.30 14.90
CA PHE C 82 -13.15 8.91 13.60
C PHE C 82 -14.57 8.74 13.20
N GLU C 83 -15.04 9.62 12.34
CA GLU C 83 -16.40 9.61 11.85
C GLU C 83 -16.43 9.68 10.33
N GLY C 84 -17.27 8.87 9.69
CA GLY C 84 -17.36 8.94 8.25
C GLY C 84 -18.21 7.82 7.73
N LYS C 85 -18.50 7.86 6.45
CA LYS C 85 -19.29 6.82 5.79
C LYS C 85 -18.55 5.49 5.87
N GLY C 86 -19.23 4.48 6.38
CA GLY C 86 -18.64 3.17 6.48
C GLY C 86 -17.28 3.18 7.13
N VAL C 87 -17.07 4.05 8.09
CA VAL C 87 -15.77 4.12 8.76
C VAL C 87 -15.39 2.85 9.48
N VAL C 88 -16.37 2.16 10.04
CA VAL C 88 -16.09 0.93 10.79
C VAL C 88 -15.47 -0.21 9.99
N ALA C 89 -16.10 -0.55 8.88
CA ALA C 89 -15.62 -1.60 8.02
C ALA C 89 -14.39 -1.11 7.28
N SER C 90 -14.39 0.17 6.94
CA SER C 90 -13.25 0.76 6.25
C SER C 90 -12.02 0.76 7.15
N ALA C 91 -12.15 1.29 8.35
CA ALA C 91 -10.99 1.29 9.22
C ALA C 91 -10.47 -0.10 9.49
N ARG C 92 -11.31 -1.12 9.39
CA ARG C 92 -10.83 -2.50 9.65
C ARG C 92 -9.99 -2.99 8.47
N LEU C 93 -10.38 -2.59 7.26
CA LEU C 93 -9.67 -2.95 6.04
C LEU C 93 -8.29 -2.33 6.03
N MET C 94 -8.18 -1.10 6.54
CA MET C 94 -6.91 -0.37 6.60
C MET C 94 -5.97 -0.91 7.65
N ILE C 95 -6.55 -1.52 8.67
CA ILE C 95 -5.84 -2.14 9.80
C ILE C 95 -5.22 -3.48 9.43
N GLY C 96 -5.99 -4.34 8.79
CA GLY C 96 -5.48 -5.63 8.40
C GLY C 96 -6.29 -6.72 9.07
N VAL C 97 -5.65 -7.84 9.33
CA VAL C 97 -6.28 -8.96 10.04
C VAL C 97 -5.52 -9.08 11.37
N THR C 98 -5.97 -9.96 12.26
CA THR C 98 -5.34 -10.12 13.58
C THR C 98 -3.84 -10.43 13.59
N ASN C 99 -3.40 -11.27 12.68
CA ASN C 99 -2.01 -11.62 12.63
C ASN C 99 -1.30 -10.65 11.70
N PRO C 100 -0.32 -9.87 12.22
CA PRO C 100 0.37 -8.93 11.34
C PRO C 100 1.13 -9.60 10.19
N LEU C 101 1.64 -10.81 10.39
CA LEU C 101 2.36 -11.47 9.29
C LEU C 101 1.44 -11.84 8.10
N ALA C 102 0.13 -11.89 8.34
CA ALA C 102 -0.84 -12.24 7.33
C ALA C 102 -1.53 -11.05 6.71
N SER C 103 -1.29 -9.85 7.23
CA SER C 103 -1.95 -8.68 6.70
C SER C 103 -1.24 -8.22 5.44
N ALA C 104 -1.99 -7.71 4.48
CA ALA C 104 -1.45 -7.27 3.22
C ALA C 104 -0.69 -6.00 3.41
N PRO C 105 0.40 -5.81 2.65
CA PRO C 105 1.18 -4.58 2.77
C PRO C 105 0.26 -3.49 2.27
N GLY C 106 0.28 -2.34 2.93
CA GLY C 106 -0.60 -1.24 2.57
C GLY C 106 -1.53 -1.05 3.78
N SER C 107 -1.72 -2.10 4.57
CA SER C 107 -2.55 -2.04 5.78
C SER C 107 -1.59 -1.71 6.90
N ILE C 108 -2.10 -1.25 8.03
CA ILE C 108 -1.28 -0.88 9.18
C ILE C 108 -0.53 -2.05 9.83
N ARG C 109 -1.22 -3.14 10.12
CA ARG C 109 -0.59 -4.29 10.73
C ARG C 109 0.35 -4.95 9.75
N GLY C 110 0.02 -4.89 8.47
CA GLY C 110 0.85 -5.49 7.43
C GLY C 110 2.17 -4.80 7.14
N ASP C 111 2.15 -3.48 7.35
CA ASP C 111 3.29 -2.62 7.14
C ASP C 111 4.21 -2.55 8.33
N PHE C 112 3.67 -2.69 9.52
CA PHE C 112 4.48 -2.48 10.72
C PHE C 112 4.59 -3.56 11.76
N GLY C 113 3.74 -4.57 11.66
CA GLY C 113 3.73 -5.59 12.69
C GLY C 113 4.23 -6.93 12.26
N VAL C 114 4.71 -7.67 13.25
CA VAL C 114 5.26 -9.00 13.05
C VAL C 114 4.64 -10.04 14.00
N ASP C 115 4.12 -9.59 15.15
CA ASP C 115 3.54 -10.50 16.13
C ASP C 115 2.10 -10.19 16.52
N VAL C 116 1.35 -11.23 16.83
CA VAL C 116 -0.08 -11.16 17.19
C VAL C 116 -0.38 -10.38 18.45
N GLY C 117 0.47 -10.55 19.45
CA GLY C 117 0.30 -9.89 20.71
C GLY C 117 0.79 -8.46 20.62
N ARG C 118 1.63 -8.19 19.63
CA ARG C 118 2.16 -6.84 19.44
C ARG C 118 1.68 -6.36 18.08
N ASN C 119 0.36 -6.20 17.96
CA ASN C 119 -0.19 -5.83 16.70
C ASN C 119 -0.61 -4.40 16.49
N ILE C 120 0.07 -3.51 17.21
CA ILE C 120 -0.07 -2.07 17.02
C ILE C 120 -1.34 -1.26 17.26
N ILE C 121 -2.49 -1.73 16.79
CA ILE C 121 -3.67 -0.91 16.87
C ILE C 121 -4.90 -1.74 17.03
N HIS C 122 -5.90 -1.17 17.68
CA HIS C 122 -7.19 -1.81 17.85
C HIS C 122 -8.26 -1.06 17.03
N GLY C 123 -9.27 -1.77 16.53
CA GLY C 123 -10.35 -1.12 15.79
C GLY C 123 -11.66 -1.85 16.04
N SER C 124 -12.73 -1.15 16.36
CA SER C 124 -13.99 -1.82 16.61
C SER C 124 -14.36 -2.66 15.39
N ASP C 125 -14.93 -3.84 15.62
CA ASP C 125 -15.30 -4.74 14.52
C ASP C 125 -16.72 -4.70 13.97
N SER C 126 -17.56 -3.86 14.58
CA SER C 126 -18.93 -3.70 14.13
C SER C 126 -19.41 -2.40 14.73
N VAL C 127 -20.55 -1.90 14.24
CA VAL C 127 -21.11 -0.67 14.77
C VAL C 127 -21.62 -0.83 16.20
N GLU C 128 -22.04 -2.04 16.56
CA GLU C 128 -22.52 -2.34 17.90
C GLU C 128 -21.32 -2.29 18.85
N SER C 129 -20.21 -2.91 18.48
CA SER C 129 -19.03 -2.84 19.33
C SER C 129 -18.44 -1.43 19.41
N ALA C 130 -18.47 -0.69 18.29
CA ALA C 130 -17.99 0.70 18.27
C ALA C 130 -18.78 1.57 19.23
N ASN C 131 -20.11 1.57 19.12
CA ASN C 131 -20.98 2.34 20.03
C ASN C 131 -20.69 2.00 21.49
N ARG C 132 -20.35 0.74 21.71
CA ARG C 132 -20.01 0.23 23.01
C ARG C 132 -18.59 0.61 23.46
N GLU C 133 -17.58 0.53 22.60
CA GLU C 133 -16.21 0.90 23.02
C GLU C 133 -16.04 2.41 23.08
N ILE C 134 -16.80 3.15 22.29
CA ILE C 134 -16.75 4.61 22.30
C ILE C 134 -17.25 5.14 23.65
N ALA C 135 -18.37 4.58 24.14
CA ALA C 135 -18.96 4.97 25.42
C ALA C 135 -18.15 4.49 26.63
N LEU C 136 -17.17 3.62 26.39
CA LEU C 136 -16.29 3.08 27.42
C LEU C 136 -15.13 4.04 27.68
N TRP C 137 -14.40 4.37 26.61
CA TRP C 137 -13.22 5.22 26.71
C TRP C 137 -13.48 6.69 26.74
N PHE C 138 -14.59 7.11 26.15
CA PHE C 138 -14.88 8.53 26.04
C PHE C 138 -16.11 9.05 26.74
N LYS C 139 -15.98 10.20 27.43
CA LYS C 139 -17.14 10.82 28.08
C LYS C 139 -17.86 11.53 26.88
N PRO C 140 -19.18 11.79 26.96
CA PRO C 140 -19.82 12.45 25.82
C PRO C 140 -19.38 13.90 25.45
N GLU C 141 -18.89 14.65 26.43
CA GLU C 141 -18.45 16.05 26.26
C GLU C 141 -17.05 16.17 25.66
N GLU C 142 -16.39 15.03 25.49
CA GLU C 142 -15.07 14.92 24.90
C GLU C 142 -15.16 14.62 23.42
N LEU C 143 -16.37 14.54 22.86
CA LEU C 143 -16.56 14.22 21.46
C LEU C 143 -17.21 15.35 20.72
N LEU C 144 -16.72 15.67 19.54
CA LEU C 144 -17.30 16.75 18.76
C LEU C 144 -18.73 16.46 18.34
N THR C 145 -19.57 17.49 18.41
CA THR C 145 -20.96 17.41 17.98
C THR C 145 -21.12 18.20 16.66
N GLU C 146 -20.14 19.06 16.35
CA GLU C 146 -20.15 19.84 15.09
C GLU C 146 -19.02 19.32 14.19
N VAL C 147 -19.33 18.31 13.39
CA VAL C 147 -18.37 17.72 12.48
C VAL C 147 -18.54 18.24 11.07
N LYS C 148 -17.44 18.70 10.50
CA LYS C 148 -17.41 19.24 9.15
C LYS C 148 -16.24 18.63 8.34
N PRO C 149 -16.55 17.61 7.50
CA PRO C 149 -15.60 16.88 6.65
C PRO C 149 -15.35 17.67 5.35
N ASN C 150 -14.17 17.50 4.75
CA ASN C 150 -13.83 18.22 3.51
C ASN C 150 -15.07 18.23 2.61
N PRO C 151 -15.53 19.42 2.16
CA PRO C 151 -16.73 19.45 1.31
C PRO C 151 -16.69 18.74 -0.05
N ASN C 152 -15.51 18.25 -0.43
CA ASN C 152 -15.31 17.54 -1.68
C ASN C 152 -15.41 16.05 -1.42
N LEU C 153 -15.47 15.64 -0.17
CA LEU C 153 -15.54 14.23 0.12
C LEU C 153 -16.89 13.55 -0.19
N TYR C 154 -17.99 14.26 0.00
CA TYR C 154 -19.31 13.69 -0.23
C TYR C 154 -20.18 14.36 -1.29
N GLU C 155 -21.07 13.52 -1.84
CA GLU C 155 -22.04 13.89 -2.88
C GLU C 155 -23.29 14.43 -2.15
MG MG D . 12.63 -17.47 -7.35
BE BEF E . 13.36 -14.40 -7.80
F1 BEF E . 12.96 -13.75 -6.36
F2 BEF E . 14.44 -13.41 -8.57
F3 BEF E . 13.99 -15.92 -7.55
PB ADP F . 10.57 -15.11 -8.29
O1B ADP F . 10.87 -16.18 -7.27
O2B ADP F . 9.26 -14.53 -8.13
O3B ADP F . 11.67 -14.15 -8.57
PA ADP F . 11.11 -17.23 -10.35
O1A ADP F . 11.91 -17.91 -9.29
O2A ADP F . 10.02 -17.93 -11.06
O3A ADP F . 10.43 -15.91 -9.69
O5' ADP F . 12.10 -16.65 -11.44
C5' ADP F . 13.28 -15.91 -11.16
C4' ADP F . 13.47 -14.66 -11.96
O4' ADP F . 13.43 -15.06 -13.26
C3' ADP F . 12.27 -13.76 -12.00
O3' ADP F . 12.40 -12.97 -10.86
C2' ADP F . 12.39 -12.90 -13.21
O2' ADP F . 13.47 -11.98 -13.09
C1' ADP F . 12.79 -14.04 -14.10
N9 ADP F . 11.60 -14.62 -14.71
C8 ADP F . 10.68 -15.54 -14.23
N7 ADP F . 9.85 -15.99 -15.16
C5 ADP F . 10.23 -15.29 -16.29
C6 ADP F . 9.73 -15.33 -17.62
N6 ADP F . 8.78 -16.18 -18.04
N1 ADP F . 10.39 -14.56 -18.53
C2 ADP F . 11.44 -13.80 -18.14
N3 ADP F . 12.01 -13.66 -16.93
C4 ADP F . 11.33 -14.49 -16.04
MG MG G . -15.50 3.35 -16.41
BE BEF H . -14.41 5.61 -13.89
F1 BEF H . -14.84 5.17 -15.38
F2 BEF H . -12.79 5.47 -13.77
F3 BEF H . -14.81 7.16 -13.69
PB ADP I . -15.35 3.15 -12.74
O1B ADP I . -15.07 2.73 -14.12
O2B ADP I . -14.83 2.26 -11.72
O3B ADP I . -15.12 4.59 -12.49
PA ADP I . -18.15 3.11 -13.60
O1A ADP I . -17.52 3.33 -14.91
O2A ADP I . -19.12 2.04 -13.36
O3A ADP I . -16.96 2.94 -12.57
O5' ADP I . -18.82 4.47 -13.19
C5' ADP I . -18.42 5.71 -13.82
C4' ADP I . -18.31 6.66 -12.60
O4' ADP I . -19.66 6.75 -12.22
C3' ADP I . -17.65 6.08 -11.30
O3' ADP I . -16.28 6.47 -11.09
C2' ADP I . -18.43 6.69 -10.22
O2' ADP I . -17.98 7.99 -9.78
C1' ADP I . -19.75 7.03 -10.86
N9 ADP I . -20.80 6.20 -10.38
C8 ADP I . -20.97 4.86 -10.71
N7 ADP I . -21.82 4.22 -9.90
C5 ADP I . -22.49 5.27 -9.19
C6 ADP I . -23.61 5.27 -8.33
N6 ADP I . -24.54 4.29 -8.37
N1 ADP I . -23.83 6.38 -7.64
C2 ADP I . -23.22 7.50 -7.98
N3 ADP I . -22.30 7.70 -8.93
C4 ADP I . -21.90 6.49 -9.46
MG MG J . -11.34 -7.44 18.28
BE BEF K . -8.14 -5.85 18.51
F1 BEF K . -9.61 -6.13 19.13
F2 BEF K . -8.28 -4.80 17.28
F3 BEF K . -7.22 -5.20 19.69
PB ADP L . -8.52 -7.88 16.40
O1B ADP L . -9.95 -7.49 16.43
O2B ADP L . -8.06 -8.20 15.07
O3B ADP L . -7.60 -6.99 17.17
PA ADP L . -9.30 -10.07 18.41
O1A ADP L . -10.40 -9.22 18.87
O2A ADP L . -9.55 -11.45 17.92
O3A ADP L . -8.47 -9.31 17.20
O5' ADP L . -8.26 -10.12 19.60
C5' ADP L . -8.00 -8.95 20.44
C4' ADP L . -6.47 -8.77 20.71
O4' ADP L . -6.01 -9.97 21.25
C3' ADP L . -5.59 -8.87 19.45
O3' ADP L . -5.47 -7.69 18.72
C2' ADP L . -4.24 -9.31 19.77
O2' ADP L . -3.55 -8.25 20.21
C1' ADP L . -4.64 -10.20 20.90
N9 ADP L . -4.78 -11.60 20.47
C8 ADP L . -5.82 -12.23 19.77
N7 ADP L . -5.47 -13.43 19.36
C5 ADP L . -4.30 -13.72 20.10
C6 ADP L . -3.50 -14.88 20.23
N6 ADP L . -3.76 -16.03 19.57
N1 ADP L . -2.33 -14.69 20.83
C2 ADP L . -2.01 -13.59 21.36
N3 ADP L . -2.75 -12.56 21.52
C4 ADP L . -3.83 -12.63 20.72
#